data_3SFF
#
_entry.id   3SFF
#
_cell.length_a   57.812
_cell.length_b   53.668
_cell.length_c   61.338
_cell.angle_alpha   90.00
_cell.angle_beta   108.99
_cell.angle_gamma   90.00
#
_symmetry.space_group_name_H-M   'P 1 21 1'
#
loop_
_entity.id
_entity.type
_entity.pdbx_description
1 polymer 'Histone deacetylase 8'
2 non-polymer (2R)-2-amino-3-(3-chlorophenyl)-1-[4-(2,5-difluorobenzoyl)piperazin-1-yl]propan-1-one
3 non-polymer 'POTASSIUM ION'
4 non-polymer 'ZINC ION'
5 water water
#
_entity_poly.entity_id   1
_entity_poly.type   'polypeptide(L)'
_entity_poly.pdbx_seq_one_letter_code
;SMEEPEEPADSGQSLVPVYIYSPEYVSMCDSLAKIPKRASMVHSLIEAYALHKQMRIVKPKVASMEEMATFHTDAYLQHL
QKVSQEGDDDHPDSIEYGLGYDCPATEGIFDYAAAIGGATITAAQCLIDGMCKVAINWSGGWHHAKKDEASGFCYLNDAV
LGILRLRRKFERILYVDLDLHHGDGVEDAFSFTSKVMTVSLHKFSPGFFPGTGDVSDVGLGKGRYYSVNVPIQDGIQDEK
YYQICESVLKEVYQAFNPKAVVLQLGADTIAGDPMCSFNMTPVGIGKCLKYILQWQLATLILGGGGYNLANTARCWTYLT
GVILGKTLSSEIPDHEFFTAYGPDYVLEITPSCRPDRNEPHRIQQILNYIKGNLKHVV
;
_entity_poly.pdbx_strand_id   A
#
loop_
_chem_comp.id
_chem_comp.type
_chem_comp.name
_chem_comp.formula
0DI non-polymer (2R)-2-amino-3-(3-chlorophenyl)-1-[4-(2,5-difluorobenzoyl)piperazin-1-yl]propan-1-one 'C20 H20 Cl F2 N3 O2'
K non-polymer 'POTASSIUM ION' 'K 1'
ZN non-polymer 'ZINC ION' 'Zn 2'
#
# COMPACT_ATOMS: atom_id res chain seq x y z
N LEU A 15 19.26 7.75 5.57
CA LEU A 15 19.54 6.71 6.56
C LEU A 15 19.25 5.29 6.05
N VAL A 16 19.50 4.28 6.90
CA VAL A 16 19.27 2.86 6.62
C VAL A 16 17.74 2.60 6.77
N PRO A 17 17.05 1.92 5.81
CA PRO A 17 15.61 1.69 5.98
C PRO A 17 15.27 0.76 7.15
N VAL A 18 14.12 0.98 7.77
CA VAL A 18 13.65 0.12 8.84
C VAL A 18 12.79 -0.98 8.20
N TYR A 19 13.07 -2.25 8.55
CA TYR A 19 12.34 -3.39 8.02
C TYR A 19 11.62 -4.00 9.21
N ILE A 20 10.27 -3.93 9.21
CA ILE A 20 9.47 -4.47 10.32
C ILE A 20 9.38 -5.99 10.18
N TYR A 21 9.97 -6.70 11.14
CA TYR A 21 10.06 -8.14 11.10
C TYR A 21 10.40 -8.77 12.45
N SER A 22 9.87 -9.96 12.67
CA SER A 22 10.16 -10.90 13.75
C SER A 22 9.62 -12.24 13.26
N PRO A 23 10.24 -13.40 13.61
CA PRO A 23 9.69 -14.68 13.14
C PRO A 23 8.27 -14.96 13.62
N GLU A 24 7.91 -14.47 14.84
CA GLU A 24 6.55 -14.59 15.41
C GLU A 24 5.52 -13.82 14.56
N TYR A 25 5.87 -12.60 14.11
CA TYR A 25 5.01 -11.75 13.27
C TYR A 25 4.75 -12.42 11.93
N VAL A 26 5.80 -12.97 11.28
CA VAL A 26 5.70 -13.67 10.01
C VAL A 26 4.85 -14.95 10.10
N SER A 27 5.07 -15.75 11.16
CA SER A 27 4.33 -17.00 11.43
C SER A 27 2.84 -16.72 11.60
N MET A 28 2.50 -15.62 12.32
CA MET A 28 1.11 -15.17 12.56
C MET A 28 0.45 -14.78 11.23
N CYS A 29 1.10 -13.92 10.42
CA CYS A 29 0.61 -13.49 9.11
C CYS A 29 0.48 -14.62 8.09
N ASP A 30 1.30 -15.67 8.22
CA ASP A 30 1.23 -16.86 7.35
C ASP A 30 -0.15 -17.56 7.47
N SER A 31 -0.80 -17.45 8.65
CA SER A 31 -2.10 -18.09 8.95
C SER A 31 -3.31 -17.29 8.46
N LEU A 32 -3.10 -16.19 7.71
CA LEU A 32 -4.17 -15.38 7.17
C LEU A 32 -4.83 -16.10 6.01
N ALA A 33 -6.18 -16.10 6.01
CA ALA A 33 -7.07 -16.78 5.05
C ALA A 33 -6.68 -16.95 3.58
N LYS A 34 -6.83 -15.91 2.77
CA LYS A 34 -6.58 -16.02 1.33
C LYS A 34 -5.11 -15.91 0.91
N ILE A 35 -4.19 -15.63 1.87
CA ILE A 35 -2.75 -15.45 1.58
C ILE A 35 -1.87 -16.41 2.41
N PRO A 36 -2.09 -17.75 2.35
CA PRO A 36 -1.30 -18.66 3.21
C PRO A 36 0.18 -18.70 2.87
N LYS A 37 1.02 -18.54 3.91
CA LYS A 37 2.49 -18.55 3.80
C LYS A 37 3.05 -17.36 3.00
N ARG A 38 2.19 -16.34 2.68
CA ARG A 38 2.67 -15.20 1.88
C ARG A 38 3.73 -14.39 2.62
N ALA A 39 3.58 -14.15 3.92
CA ALA A 39 4.55 -13.39 4.70
C ALA A 39 5.96 -14.06 4.73
N SER A 40 6.00 -15.42 4.80
CA SER A 40 7.25 -16.22 4.78
C SER A 40 7.88 -16.19 3.42
N MET A 41 7.07 -16.23 2.37
CA MET A 41 7.54 -16.18 1.00
C MET A 41 8.21 -14.85 0.71
N VAL A 42 7.60 -13.75 1.15
CA VAL A 42 8.11 -12.38 0.95
C VAL A 42 9.42 -12.20 1.72
N HIS A 43 9.40 -12.51 3.01
CA HIS A 43 10.58 -12.37 3.89
C HIS A 43 11.76 -13.27 3.44
N SER A 44 11.50 -14.55 3.10
CA SER A 44 12.57 -15.46 2.67
C SER A 44 13.17 -15.11 1.32
N LEU A 45 12.40 -14.45 0.41
CA LEU A 45 12.97 -14.00 -0.87
C LEU A 45 13.88 -12.78 -0.69
N ILE A 46 13.43 -11.83 0.16
CA ILE A 46 14.17 -10.65 0.59
C ILE A 46 15.49 -11.12 1.28
N GLU A 47 15.38 -12.17 2.11
CA GLU A 47 16.52 -12.75 2.83
C GLU A 47 17.49 -13.47 1.88
N ALA A 48 16.95 -14.18 0.86
CA ALA A 48 17.71 -14.92 -0.15
C ALA A 48 18.56 -13.99 -1.00
N TYR A 49 18.09 -12.74 -1.22
CA TYR A 49 18.77 -11.70 -1.97
C TYR A 49 19.71 -10.87 -1.06
N ALA A 50 19.75 -11.21 0.25
CA ALA A 50 20.56 -10.59 1.33
C ALA A 50 20.24 -9.10 1.59
N LEU A 51 18.99 -8.70 1.33
CA LEU A 51 18.51 -7.30 1.46
C LEU A 51 18.35 -6.85 2.88
N HIS A 52 18.03 -7.79 3.78
CA HIS A 52 17.88 -7.59 5.23
C HIS A 52 19.18 -7.09 5.88
N LYS A 53 20.38 -7.44 5.30
CA LYS A 53 21.71 -7.01 5.75
C LYS A 53 21.90 -5.52 5.50
N GLN A 54 21.20 -4.96 4.49
CA GLN A 54 21.23 -3.54 4.15
C GLN A 54 20.12 -2.73 4.85
N MET A 55 19.41 -3.33 5.82
CA MET A 55 18.30 -2.69 6.53
C MET A 55 18.38 -2.85 8.05
N ARG A 56 17.64 -2.01 8.79
CA ARG A 56 17.54 -2.09 10.25
C ARG A 56 16.30 -2.93 10.64
N ILE A 57 16.53 -4.15 11.13
CA ILE A 57 15.47 -5.06 11.55
C ILE A 57 14.86 -4.55 12.84
N VAL A 58 13.57 -4.21 12.80
CA VAL A 58 12.88 -3.72 13.98
C VAL A 58 11.72 -4.67 14.31
N LYS A 59 11.67 -5.19 15.55
CA LYS A 59 10.59 -6.08 15.99
C LYS A 59 9.26 -5.32 16.12
N PRO A 60 8.15 -5.85 15.58
CA PRO A 60 6.88 -5.16 15.77
C PRO A 60 6.34 -5.33 17.18
N LYS A 61 5.76 -4.28 17.72
CA LYS A 61 5.09 -4.30 19.02
C LYS A 61 3.61 -4.60 18.70
N VAL A 62 2.91 -5.33 19.55
CA VAL A 62 1.48 -5.63 19.34
C VAL A 62 0.70 -4.36 19.74
N ALA A 63 -0.32 -3.95 18.97
CA ALA A 63 -1.06 -2.73 19.29
C ALA A 63 -1.90 -2.96 20.54
N SER A 64 -1.95 -1.95 21.40
CA SER A 64 -2.76 -1.99 22.61
C SER A 64 -4.19 -1.63 22.21
N MET A 65 -5.15 -1.91 23.09
CA MET A 65 -6.56 -1.55 22.89
C MET A 65 -6.71 -0.03 22.66
N GLU A 66 -5.97 0.80 23.40
CA GLU A 66 -5.98 2.25 23.27
C GLU A 66 -5.42 2.75 21.94
N GLU A 67 -4.33 2.14 21.44
CA GLU A 67 -3.78 2.53 20.13
C GLU A 67 -4.78 2.18 19.01
N MET A 68 -5.44 1.01 19.11
CA MET A 68 -6.41 0.62 18.07
C MET A 68 -7.65 1.54 18.14
N ALA A 69 -7.98 1.99 19.37
CA ALA A 69 -9.11 2.89 19.65
C ALA A 69 -8.84 4.33 19.24
N THR A 70 -7.65 4.65 18.65
CA THR A 70 -7.38 6.00 18.13
C THR A 70 -8.21 6.19 16.85
N PHE A 71 -8.65 5.06 16.25
CA PHE A 71 -9.52 5.06 15.10
C PHE A 71 -10.77 4.20 15.33
N HIS A 72 -10.59 2.92 15.69
CA HIS A 72 -11.73 2.01 15.85
C HIS A 72 -12.54 2.25 17.11
N THR A 73 -13.86 2.02 17.06
CA THR A 73 -14.69 2.23 18.24
C THR A 73 -14.40 1.14 19.28
N ASP A 74 -14.65 1.43 20.55
CA ASP A 74 -14.45 0.42 21.60
C ASP A 74 -15.38 -0.78 21.38
N ALA A 75 -16.67 -0.52 21.06
CA ALA A 75 -17.69 -1.55 20.75
C ALA A 75 -17.26 -2.43 19.56
N TYR A 76 -16.74 -1.82 18.48
CA TYR A 76 -16.27 -2.66 17.38
C TYR A 76 -15.06 -3.53 17.81
N LEU A 77 -14.10 -2.95 18.56
CA LEU A 77 -12.91 -3.71 19.05
C LEU A 77 -13.33 -4.85 19.96
N GLN A 78 -14.32 -4.60 20.83
CA GLN A 78 -14.88 -5.60 21.73
C GLN A 78 -15.62 -6.65 20.88
N HIS A 79 -16.31 -6.22 19.79
CA HIS A 79 -16.97 -7.14 18.86
C HIS A 79 -15.96 -8.04 18.16
N LEU A 80 -14.80 -7.48 17.78
CA LEU A 80 -13.73 -8.23 17.13
C LEU A 80 -13.19 -9.35 18.06
N GLN A 81 -13.06 -9.07 19.38
CA GLN A 81 -12.61 -10.02 20.40
C GLN A 81 -13.55 -11.23 20.46
N LYS A 82 -14.88 -10.97 20.51
CA LYS A 82 -15.96 -11.97 20.58
C LYS A 82 -16.05 -12.83 19.31
N VAL A 83 -15.83 -12.23 18.12
CA VAL A 83 -15.87 -12.98 16.86
C VAL A 83 -14.62 -13.89 16.65
N SER A 84 -13.52 -13.59 17.37
CA SER A 84 -12.26 -14.34 17.30
C SER A 84 -12.38 -15.68 18.03
N GLY A 108 -9.57 -16.09 16.09
CA GLY A 108 -8.28 -15.51 16.39
C GLY A 108 -7.97 -14.23 15.64
N ILE A 109 -8.98 -13.65 14.96
CA ILE A 109 -8.85 -12.43 14.16
C ILE A 109 -8.38 -11.18 14.94
N PHE A 110 -8.83 -11.03 16.20
CA PHE A 110 -8.39 -9.90 17.04
C PHE A 110 -6.88 -9.88 17.23
N ASP A 111 -6.25 -11.06 17.41
CA ASP A 111 -4.80 -11.14 17.58
C ASP A 111 -4.03 -10.77 16.31
N TYR A 112 -4.47 -11.26 15.12
CA TYR A 112 -3.86 -10.91 13.82
C TYR A 112 -3.97 -9.39 13.60
N ALA A 113 -5.16 -8.83 13.92
CA ALA A 113 -5.47 -7.41 13.77
C ALA A 113 -4.54 -6.53 14.61
N ALA A 114 -4.40 -6.88 15.91
CA ALA A 114 -3.54 -6.17 16.86
C ALA A 114 -2.07 -6.26 16.48
N ALA A 115 -1.64 -7.42 15.93
CA ALA A 115 -0.24 -7.65 15.51
C ALA A 115 0.12 -6.83 14.27
N ILE A 116 -0.78 -6.81 13.23
CA ILE A 116 -0.58 -6.04 12.00
C ILE A 116 -0.67 -4.52 12.26
N GLY A 117 -1.68 -4.10 13.03
CA GLY A 117 -1.82 -2.69 13.37
C GLY A 117 -0.62 -2.20 14.16
N GLY A 118 -0.13 -3.05 15.05
CA GLY A 118 1.04 -2.78 15.88
C GLY A 118 2.30 -2.63 15.05
N ALA A 119 2.46 -3.48 14.02
CA ALA A 119 3.61 -3.46 13.12
C ALA A 119 3.63 -2.14 12.33
N THR A 120 2.45 -1.65 11.89
CA THR A 120 2.35 -0.39 11.17
C THR A 120 2.64 0.77 12.11
N ILE A 121 2.12 0.72 13.35
CA ILE A 121 2.36 1.78 14.35
C ILE A 121 3.88 1.89 14.66
N THR A 122 4.55 0.73 14.79
CA THR A 122 5.99 0.65 15.05
C THR A 122 6.78 1.33 13.95
N ALA A 123 6.39 1.13 12.65
CA ALA A 123 7.05 1.76 11.50
C ALA A 123 6.86 3.27 11.57
N ALA A 124 5.63 3.75 11.91
CA ALA A 124 5.35 5.16 12.07
C ALA A 124 6.20 5.77 13.22
N GLN A 125 6.38 5.01 14.34
CA GLN A 125 7.17 5.43 15.50
C GLN A 125 8.64 5.58 15.13
N CYS A 126 9.22 4.64 14.35
CA CYS A 126 10.62 4.73 13.91
C CYS A 126 10.80 5.99 13.09
N LEU A 127 9.81 6.30 12.20
CA LEU A 127 9.82 7.52 11.38
C LEU A 127 9.74 8.81 12.22
N ILE A 128 8.88 8.81 13.27
CA ILE A 128 8.66 9.91 14.22
C ILE A 128 9.97 10.24 14.96
N ASP A 129 10.64 9.18 15.44
CA ASP A 129 11.89 9.21 16.21
C ASP A 129 13.16 9.51 15.42
N GLY A 130 13.03 9.67 14.10
CA GLY A 130 14.14 9.98 13.20
C GLY A 130 15.12 8.85 12.98
N MET A 131 14.72 7.61 13.31
CA MET A 131 15.56 6.41 13.17
C MET A 131 15.85 6.11 11.70
N CYS A 132 14.91 6.50 10.80
CA CYS A 132 14.99 6.24 9.36
C CYS A 132 14.18 7.26 8.55
N LYS A 133 14.27 7.20 7.22
CA LYS A 133 13.48 8.02 6.32
C LYS A 133 12.45 7.13 5.61
N VAL A 134 12.66 5.82 5.62
CA VAL A 134 11.78 4.80 5.00
C VAL A 134 11.65 3.64 6.01
N ALA A 135 10.41 3.24 6.31
CA ALA A 135 10.07 2.15 7.23
C ALA A 135 9.04 1.24 6.51
N ILE A 136 9.32 -0.08 6.44
CA ILE A 136 8.55 -1.09 5.70
C ILE A 136 7.81 -2.09 6.55
N ASN A 137 6.51 -2.27 6.28
CA ASN A 137 5.67 -3.32 6.85
C ASN A 137 4.92 -3.99 5.69
N TRP A 138 5.56 -4.95 4.98
CA TRP A 138 4.90 -5.61 3.84
C TRP A 138 3.60 -6.37 4.19
N SER A 139 3.39 -6.68 5.48
CA SER A 139 2.19 -7.40 5.93
C SER A 139 0.98 -6.48 6.26
N GLY A 140 1.12 -5.17 6.05
CA GLY A 140 0.06 -4.18 6.28
C GLY A 140 -0.68 -3.78 5.02
N GLY A 141 -1.38 -2.62 5.08
CA GLY A 141 -2.15 -2.07 3.95
C GLY A 141 -3.61 -2.55 3.87
N TRP A 142 -4.23 -2.86 5.01
CA TRP A 142 -5.60 -3.36 5.09
C TRP A 142 -6.63 -2.20 5.03
N HIS A 143 -6.64 -1.54 3.87
CA HIS A 143 -7.28 -0.28 3.50
C HIS A 143 -8.80 -0.16 3.50
N HIS A 144 -9.57 -1.28 3.51
CA HIS A 144 -11.03 -1.23 3.46
C HIS A 144 -11.73 -1.04 4.81
N ALA A 145 -11.08 -1.38 5.91
CA ALA A 145 -11.65 -1.35 7.27
C ALA A 145 -12.07 0.03 7.71
N LYS A 146 -13.27 0.12 8.29
CA LYS A 146 -13.85 1.39 8.75
C LYS A 146 -13.88 1.41 10.25
N LYS A 147 -14.22 2.57 10.84
CA LYS A 147 -14.27 2.87 12.28
C LYS A 147 -14.94 1.75 13.09
N ASP A 148 -16.11 1.30 12.62
CA ASP A 148 -16.89 0.32 13.37
C ASP A 148 -17.41 -0.83 12.53
N GLU A 149 -16.69 -1.15 11.45
CA GLU A 149 -17.13 -2.21 10.54
C GLU A 149 -15.96 -2.75 9.74
N ALA A 150 -15.90 -4.08 9.62
CA ALA A 150 -14.89 -4.69 8.79
C ALA A 150 -15.46 -4.79 7.37
N SER A 151 -14.57 -4.85 6.35
CA SER A 151 -15.00 -5.07 4.96
C SER A 151 -13.84 -5.46 4.09
N GLY A 152 -14.16 -6.15 2.99
CA GLY A 152 -13.18 -6.59 2.01
C GLY A 152 -11.98 -7.28 2.64
N PHE A 153 -12.22 -8.16 3.63
CA PHE A 153 -11.21 -8.95 4.39
C PHE A 153 -10.34 -8.12 5.35
N CYS A 154 -10.68 -6.82 5.50
CA CYS A 154 -9.95 -5.89 6.38
C CYS A 154 -10.73 -5.71 7.69
N TYR A 155 -10.18 -6.20 8.81
CA TYR A 155 -10.78 -6.14 10.14
C TYR A 155 -10.24 -4.99 10.98
N LEU A 156 -9.08 -4.48 10.62
CA LEU A 156 -8.50 -3.33 11.29
C LEU A 156 -7.74 -2.49 10.23
N ASN A 157 -7.90 -1.16 10.27
CA ASN A 157 -7.22 -0.31 9.29
C ASN A 157 -5.87 0.12 9.82
N ASP A 158 -4.85 -0.71 9.58
CA ASP A 158 -3.50 -0.38 10.05
C ASP A 158 -2.96 0.89 9.40
N ALA A 159 -3.33 1.18 8.14
CA ALA A 159 -2.86 2.38 7.45
C ALA A 159 -3.32 3.63 8.17
N VAL A 160 -4.62 3.67 8.60
CA VAL A 160 -5.20 4.81 9.35
C VAL A 160 -4.43 4.99 10.65
N LEU A 161 -4.20 3.89 11.36
CA LEU A 161 -3.44 3.86 12.60
C LEU A 161 -2.00 4.39 12.42
N GLY A 162 -1.36 4.07 11.29
CA GLY A 162 0.00 4.54 10.99
C GLY A 162 0.01 6.03 10.71
N ILE A 163 -0.98 6.53 9.92
CA ILE A 163 -1.16 7.96 9.60
C ILE A 163 -1.36 8.79 10.89
N LEU A 164 -2.21 8.29 11.82
CA LEU A 164 -2.48 8.99 13.08
C LEU A 164 -1.23 9.13 13.96
N ARG A 165 -0.41 8.04 14.04
CA ARG A 165 0.85 8.10 14.80
C ARG A 165 1.83 9.10 14.17
N LEU A 166 1.89 9.18 12.82
CA LEU A 166 2.74 10.11 12.07
C LEU A 166 2.36 11.57 12.35
N ARG A 167 1.04 11.85 12.49
CA ARG A 167 0.49 13.17 12.81
C ARG A 167 1.01 13.73 14.15
N ARG A 168 1.65 12.89 14.99
CA ARG A 168 2.24 13.34 16.26
C ARG A 168 3.42 14.27 16.02
N LYS A 169 4.12 14.11 14.87
CA LYS A 169 5.27 14.95 14.50
C LYS A 169 5.09 15.65 13.14
N PHE A 170 4.44 14.98 12.17
CA PHE A 170 4.26 15.56 10.85
C PHE A 170 2.90 16.26 10.68
N GLU A 171 2.90 17.53 10.22
CA GLU A 171 1.66 18.34 10.10
C GLU A 171 0.71 17.86 9.02
N ARG A 172 1.25 17.54 7.84
CA ARG A 172 0.47 17.11 6.69
C ARG A 172 0.95 15.76 6.20
N ILE A 173 0.01 14.82 5.98
CA ILE A 173 0.33 13.45 5.53
C ILE A 173 -0.31 13.21 4.20
N LEU A 174 0.47 12.66 3.25
CA LEU A 174 -0.05 12.25 1.96
C LEU A 174 -0.13 10.73 1.94
N TYR A 175 -1.31 10.19 1.72
CA TYR A 175 -1.48 8.76 1.62
C TYR A 175 -1.67 8.43 0.15
N VAL A 176 -0.81 7.59 -0.39
CA VAL A 176 -0.88 7.18 -1.81
C VAL A 176 -1.20 5.69 -1.85
N ASP A 177 -2.25 5.29 -2.57
CA ASP A 177 -2.71 3.90 -2.61
C ASP A 177 -2.65 3.34 -4.02
N LEU A 178 -1.68 2.48 -4.28
CA LEU A 178 -1.46 1.90 -5.63
C LEU A 178 -2.02 0.46 -5.77
N ASP A 179 -2.75 -0.01 -4.75
CA ASP A 179 -3.43 -1.32 -4.77
C ASP A 179 -4.48 -1.26 -5.88
N LEU A 180 -4.84 -2.42 -6.50
CA LEU A 180 -5.88 -2.49 -7.54
C LEU A 180 -7.22 -1.92 -7.03
N HIS A 181 -7.51 -2.06 -5.72
CA HIS A 181 -8.77 -1.60 -5.12
C HIS A 181 -8.72 -0.20 -4.56
N HIS A 182 -9.87 0.48 -4.51
CA HIS A 182 -9.97 1.82 -3.94
C HIS A 182 -9.73 1.70 -2.43
N GLY A 183 -8.86 2.55 -1.86
CA GLY A 183 -8.59 2.53 -0.42
C GLY A 183 -9.65 3.33 0.30
N ASP A 184 -10.88 2.84 0.25
CA ASP A 184 -12.06 3.51 0.78
C ASP A 184 -12.07 3.78 2.27
N GLY A 185 -11.57 2.82 3.08
CA GLY A 185 -11.54 2.99 4.53
C GLY A 185 -10.65 4.14 4.93
N VAL A 186 -9.49 4.27 4.28
CA VAL A 186 -8.52 5.33 4.60
C VAL A 186 -9.10 6.68 4.18
N GLU A 187 -9.66 6.74 2.97
CA GLU A 187 -10.26 7.96 2.42
C GLU A 187 -11.41 8.41 3.32
N ASP A 188 -12.28 7.47 3.73
CA ASP A 188 -13.43 7.75 4.60
C ASP A 188 -12.99 8.28 5.97
N ALA A 189 -11.93 7.68 6.56
CA ALA A 189 -11.34 8.05 7.85
C ALA A 189 -10.86 9.49 7.91
N PHE A 190 -10.36 10.01 6.77
CA PHE A 190 -9.80 11.36 6.68
C PHE A 190 -10.58 12.27 5.72
N SER A 191 -11.83 11.90 5.35
CA SER A 191 -12.65 12.63 4.39
C SER A 191 -12.96 14.07 4.74
N PHE A 192 -13.12 14.37 6.05
CA PHE A 192 -13.45 15.69 6.59
C PHE A 192 -12.26 16.62 6.79
N THR A 193 -11.01 16.08 6.81
CA THR A 193 -9.83 16.90 7.08
C THR A 193 -8.96 17.25 5.88
N SER A 194 -8.37 18.46 5.92
CA SER A 194 -7.41 18.92 4.92
C SER A 194 -5.99 18.65 5.43
N LYS A 195 -5.84 18.01 6.60
CA LYS A 195 -4.54 17.67 7.21
C LYS A 195 -3.92 16.39 6.62
N VAL A 196 -4.75 15.53 6.06
CA VAL A 196 -4.37 14.26 5.44
C VAL A 196 -5.02 14.19 4.08
N MET A 197 -4.21 14.10 3.03
CA MET A 197 -4.67 13.98 1.65
C MET A 197 -4.53 12.53 1.19
N THR A 198 -5.58 11.95 0.64
CA THR A 198 -5.51 10.57 0.17
C THR A 198 -5.58 10.61 -1.35
N VAL A 199 -4.73 9.80 -2.00
CA VAL A 199 -4.68 9.64 -3.45
C VAL A 199 -4.79 8.15 -3.75
N SER A 200 -5.80 7.75 -4.53
CA SER A 200 -5.93 6.32 -4.88
C SER A 200 -6.08 6.15 -6.36
N LEU A 201 -5.23 5.28 -6.93
CA LEU A 201 -5.28 4.83 -8.32
C LEU A 201 -5.84 3.40 -8.21
N HIS A 202 -6.98 3.16 -8.84
CA HIS A 202 -7.65 1.86 -8.70
C HIS A 202 -8.54 1.56 -9.91
N LYS A 203 -8.91 0.28 -10.08
CA LYS A 203 -9.87 -0.15 -11.09
C LYS A 203 -11.23 0.36 -10.63
N PHE A 204 -11.96 1.00 -11.54
CA PHE A 204 -13.30 1.51 -11.20
C PHE A 204 -14.21 1.07 -12.33
N SER A 205 -15.03 0.07 -12.04
CA SER A 205 -15.88 -0.58 -13.01
C SER A 205 -17.11 -1.17 -12.33
N PRO A 206 -18.26 -1.30 -13.04
CA PRO A 206 -19.45 -1.87 -12.40
C PRO A 206 -19.24 -3.28 -11.85
N GLY A 207 -19.63 -3.49 -10.60
CA GLY A 207 -19.49 -4.79 -9.97
C GLY A 207 -18.10 -5.10 -9.47
N PHE A 208 -17.18 -4.12 -9.52
CA PHE A 208 -15.82 -4.27 -9.02
C PHE A 208 -15.69 -3.59 -7.64
N PHE A 209 -15.45 -4.41 -6.60
CA PHE A 209 -15.31 -4.00 -5.19
C PHE A 209 -14.30 -2.87 -4.95
N PRO A 210 -14.59 -1.87 -4.08
CA PRO A 210 -15.84 -1.64 -3.32
C PRO A 210 -16.92 -0.85 -4.07
N GLY A 211 -16.66 -0.48 -5.33
CA GLY A 211 -17.59 0.25 -6.17
C GLY A 211 -17.49 1.76 -6.00
N THR A 212 -16.55 2.20 -5.18
CA THR A 212 -16.42 3.61 -4.85
C THR A 212 -15.13 4.19 -5.46
N GLY A 213 -14.98 5.51 -5.34
CA GLY A 213 -13.75 6.16 -5.80
C GLY A 213 -13.79 6.69 -7.21
N ASP A 214 -14.89 7.38 -7.57
CA ASP A 214 -14.97 8.01 -8.90
C ASP A 214 -14.23 9.32 -8.77
N VAL A 215 -13.82 9.91 -9.90
CA VAL A 215 -13.09 11.17 -9.95
C VAL A 215 -13.85 12.33 -9.24
N SER A 216 -15.19 12.23 -9.16
CA SER A 216 -16.09 13.16 -8.47
C SER A 216 -16.13 12.98 -6.93
N ASP A 217 -15.44 11.94 -6.41
CA ASP A 217 -15.36 11.70 -4.96
C ASP A 217 -14.15 12.47 -4.48
N VAL A 218 -14.42 13.59 -3.78
CA VAL A 218 -13.39 14.54 -3.36
C VAL A 218 -13.37 14.90 -1.87
N GLY A 219 -14.06 14.13 -1.05
CA GLY A 219 -14.14 14.36 0.39
C GLY A 219 -15.27 15.32 0.75
N LEU A 220 -15.25 15.86 1.98
CA LEU A 220 -16.34 16.74 2.43
C LEU A 220 -15.87 17.83 3.36
N GLY A 221 -16.72 18.85 3.52
CA GLY A 221 -16.47 19.98 4.39
C GLY A 221 -15.15 20.64 4.08
N LYS A 222 -14.33 20.87 5.11
CA LYS A 222 -13.00 21.48 4.95
C LYS A 222 -12.04 20.55 4.16
N GLY A 223 -12.34 19.25 4.18
CA GLY A 223 -11.57 18.25 3.46
C GLY A 223 -11.99 18.14 2.00
N ARG A 224 -12.92 19.02 1.53
CA ARG A 224 -13.33 18.97 0.13
C ARG A 224 -12.12 19.25 -0.74
N TYR A 225 -11.91 18.39 -1.74
CA TYR A 225 -10.79 18.41 -2.70
C TYR A 225 -9.48 17.83 -2.16
N TYR A 226 -9.49 17.35 -0.90
CA TYR A 226 -8.34 16.70 -0.24
C TYR A 226 -8.39 15.15 -0.32
N SER A 227 -9.30 14.62 -1.16
CA SER A 227 -9.42 13.20 -1.51
C SER A 227 -9.32 13.17 -3.04
N VAL A 228 -8.36 12.43 -3.59
CA VAL A 228 -8.12 12.29 -5.04
C VAL A 228 -8.36 10.85 -5.46
N ASN A 229 -9.19 10.65 -6.50
CA ASN A 229 -9.46 9.32 -7.00
C ASN A 229 -9.22 9.23 -8.48
N VAL A 230 -8.36 8.28 -8.87
CA VAL A 230 -8.00 8.10 -10.27
C VAL A 230 -8.62 6.79 -10.82
N PRO A 231 -9.86 6.85 -11.41
CA PRO A 231 -10.49 5.61 -11.90
C PRO A 231 -9.81 5.08 -13.17
N ILE A 232 -9.43 3.79 -13.15
CA ILE A 232 -8.69 3.19 -14.26
C ILE A 232 -9.39 1.91 -14.75
N GLN A 233 -9.32 1.63 -16.05
CA GLN A 233 -9.91 0.41 -16.62
C GLN A 233 -8.87 -0.71 -16.74
N ASP A 234 -9.37 -1.95 -16.96
CA ASP A 234 -8.56 -3.16 -17.14
C ASP A 234 -7.51 -3.05 -18.23
N GLY A 235 -6.47 -3.85 -18.07
CA GLY A 235 -5.41 -4.00 -19.06
C GLY A 235 -4.33 -2.96 -19.10
N ILE A 236 -4.33 -1.99 -18.17
CA ILE A 236 -3.29 -0.95 -18.08
C ILE A 236 -1.90 -1.59 -17.91
N GLN A 237 -0.90 -1.05 -18.62
CA GLN A 237 0.49 -1.48 -18.64
C GLN A 237 1.36 -0.38 -18.01
N ASP A 238 2.60 -0.74 -17.62
CA ASP A 238 3.59 0.07 -16.89
C ASP A 238 3.74 1.52 -17.28
N GLU A 239 4.04 1.78 -18.58
CA GLU A 239 4.28 3.13 -19.09
C GLU A 239 3.06 4.06 -18.87
N LYS A 240 1.83 3.68 -19.32
CA LYS A 240 0.64 4.51 -19.14
C LYS A 240 0.35 4.73 -17.66
N TYR A 241 0.42 3.66 -16.83
CA TYR A 241 0.20 3.77 -15.39
C TYR A 241 1.19 4.76 -14.74
N TYR A 242 2.49 4.67 -15.10
CA TYR A 242 3.48 5.61 -14.56
C TYR A 242 3.21 7.05 -14.99
N GLN A 243 2.84 7.28 -16.28
CA GLN A 243 2.50 8.59 -16.82
C GLN A 243 1.31 9.22 -16.08
N ILE A 244 0.27 8.40 -15.76
CA ILE A 244 -0.92 8.83 -14.99
C ILE A 244 -0.50 9.23 -13.60
N CYS A 245 0.17 8.29 -12.90
CA CYS A 245 0.66 8.45 -11.53
C CYS A 245 1.60 9.63 -11.37
N GLU A 246 2.61 9.79 -12.26
CA GLU A 246 3.54 10.92 -12.18
C GLU A 246 2.77 12.24 -12.35
N SER A 247 1.85 12.27 -13.33
CA SER A 247 1.03 13.44 -13.63
C SER A 247 0.17 13.90 -12.44
N VAL A 248 -0.43 12.96 -11.69
CA VAL A 248 -1.28 13.30 -10.52
C VAL A 248 -0.45 13.71 -9.34
N LEU A 249 0.59 12.90 -9.02
CA LEU A 249 1.45 13.14 -7.87
C LEU A 249 2.20 14.46 -7.97
N LYS A 250 2.61 14.86 -9.20
CA LYS A 250 3.33 16.12 -9.41
C LYS A 250 2.40 17.27 -9.00
N GLU A 251 1.13 17.23 -9.45
CA GLU A 251 0.12 18.25 -9.15
C GLU A 251 -0.22 18.25 -7.65
N VAL A 252 -0.38 17.04 -7.06
CA VAL A 252 -0.69 16.86 -5.63
C VAL A 252 0.43 17.39 -4.74
N TYR A 253 1.67 17.04 -5.05
CA TYR A 253 2.81 17.47 -4.25
C TYR A 253 2.89 19.01 -4.13
N GLN A 254 2.70 19.73 -5.26
CA GLN A 254 2.78 21.21 -5.28
C GLN A 254 1.63 21.90 -4.54
N ALA A 255 0.41 21.33 -4.61
CA ALA A 255 -0.77 21.95 -4.00
C ALA A 255 -0.87 21.68 -2.51
N PHE A 256 -0.46 20.47 -2.09
CA PHE A 256 -0.56 20.00 -0.71
C PHE A 256 0.69 20.15 0.13
N ASN A 257 1.88 20.06 -0.51
CA ASN A 257 3.19 20.18 0.13
C ASN A 257 3.29 19.21 1.35
N PRO A 258 3.25 17.87 1.15
CA PRO A 258 3.27 16.95 2.32
C PRO A 258 4.54 16.99 3.15
N LYS A 259 4.45 16.60 4.45
CA LYS A 259 5.59 16.48 5.35
C LYS A 259 6.00 15.01 5.58
N ALA A 260 5.09 14.06 5.26
CA ALA A 260 5.32 12.62 5.40
C ALA A 260 4.42 11.91 4.42
N VAL A 261 4.77 10.65 4.06
CA VAL A 261 4.04 9.84 3.08
C VAL A 261 3.76 8.45 3.63
N VAL A 262 2.57 7.92 3.34
CA VAL A 262 2.17 6.54 3.60
C VAL A 262 1.81 5.99 2.22
N LEU A 263 2.53 4.95 1.80
CA LEU A 263 2.38 4.39 0.45
C LEU A 263 1.99 2.92 0.50
N GLN A 264 0.79 2.61 -0.02
CA GLN A 264 0.20 1.27 -0.04
C GLN A 264 0.47 0.70 -1.45
N LEU A 265 1.20 -0.42 -1.51
CA LEU A 265 1.67 -1.01 -2.76
C LEU A 265 1.14 -2.43 -3.02
N GLY A 266 -0.17 -2.61 -2.89
CA GLY A 266 -0.82 -3.90 -3.13
C GLY A 266 -0.40 -4.43 -4.49
N ALA A 267 0.06 -5.72 -4.55
CA ALA A 267 0.55 -6.41 -5.75
C ALA A 267 -0.56 -7.03 -6.58
N ASP A 268 -1.82 -6.69 -6.26
CA ASP A 268 -2.95 -7.23 -7.02
C ASP A 268 -3.16 -6.58 -8.39
N THR A 269 -2.29 -5.63 -8.76
CA THR A 269 -2.31 -4.98 -10.08
C THR A 269 -1.38 -5.76 -11.05
N ILE A 270 -0.58 -6.69 -10.50
CA ILE A 270 0.45 -7.40 -11.28
C ILE A 270 -0.13 -8.47 -12.17
N ALA A 271 0.24 -8.45 -13.48
CA ALA A 271 -0.15 -9.48 -14.46
C ALA A 271 -0.03 -10.90 -13.83
N GLY A 272 -1.06 -11.72 -13.98
CA GLY A 272 -1.09 -13.08 -13.44
C GLY A 272 -1.80 -13.22 -12.10
N ASP A 273 -2.31 -12.09 -11.56
CA ASP A 273 -3.01 -12.15 -10.27
C ASP A 273 -4.45 -12.67 -10.52
N PRO A 274 -5.00 -13.53 -9.61
CA PRO A 274 -6.42 -13.98 -9.75
C PRO A 274 -7.45 -12.85 -10.00
N MET A 275 -7.16 -11.62 -9.47
CA MET A 275 -7.99 -10.43 -9.69
C MET A 275 -8.17 -10.19 -11.19
N CYS A 276 -7.18 -10.60 -12.01
CA CYS A 276 -7.19 -10.62 -13.48
C CYS A 276 -7.75 -9.30 -14.12
N SER A 277 -7.20 -8.15 -13.68
CA SER A 277 -7.66 -6.83 -14.12
C SER A 277 -6.58 -5.99 -14.84
N PHE A 278 -5.56 -5.56 -14.10
CA PHE A 278 -4.47 -4.73 -14.65
C PHE A 278 -3.39 -5.61 -15.26
N ASN A 279 -2.49 -5.01 -16.03
CA ASN A 279 -1.46 -5.77 -16.73
C ASN A 279 -0.09 -5.15 -16.41
N MET A 280 0.15 -4.89 -15.12
CA MET A 280 1.36 -4.24 -14.61
C MET A 280 2.46 -5.24 -14.28
N THR A 281 3.70 -4.73 -14.21
CA THR A 281 4.84 -5.50 -13.75
C THR A 281 5.43 -4.70 -12.57
N PRO A 282 6.29 -5.29 -11.72
CA PRO A 282 6.90 -4.53 -10.61
C PRO A 282 7.76 -3.33 -11.06
N VAL A 283 8.20 -3.32 -12.33
CA VAL A 283 9.00 -2.25 -12.93
C VAL A 283 8.16 -0.95 -13.01
N GLY A 284 6.86 -1.07 -13.32
CA GLY A 284 5.94 0.06 -13.39
C GLY A 284 5.68 0.67 -12.03
N ILE A 285 5.39 -0.18 -11.03
CA ILE A 285 5.14 0.21 -9.63
C ILE A 285 6.43 0.78 -9.01
N GLY A 286 7.57 0.16 -9.34
CA GLY A 286 8.91 0.58 -8.94
C GLY A 286 9.23 2.00 -9.35
N LYS A 287 8.78 2.41 -10.55
CA LYS A 287 8.97 3.78 -11.05
C LYS A 287 8.15 4.81 -10.24
N CYS A 288 6.91 4.44 -9.85
CA CYS A 288 6.02 5.30 -9.04
C CYS A 288 6.68 5.49 -7.68
N LEU A 289 7.23 4.36 -7.16
CA LEU A 289 7.90 4.32 -5.86
C LEU A 289 9.16 5.19 -5.93
N LYS A 290 9.99 5.01 -6.99
CA LYS A 290 11.22 5.80 -7.15
C LYS A 290 10.92 7.30 -7.22
N TYR A 291 9.88 7.70 -7.98
CA TYR A 291 9.46 9.10 -8.11
C TYR A 291 9.18 9.68 -6.70
N ILE A 292 8.36 8.98 -5.87
CA ILE A 292 8.00 9.38 -4.50
C ILE A 292 9.24 9.47 -3.61
N LEU A 293 10.18 8.51 -3.76
CA LEU A 293 11.40 8.50 -2.94
C LEU A 293 12.27 9.75 -3.16
N GLN A 294 12.19 10.37 -4.36
CA GLN A 294 12.92 11.61 -4.66
C GLN A 294 12.53 12.74 -3.72
N TRP A 295 11.28 12.70 -3.15
CA TRP A 295 10.79 13.78 -2.28
C TRP A 295 11.62 13.86 -1.00
N GLN A 296 12.23 12.71 -0.63
CA GLN A 296 13.11 12.56 0.53
C GLN A 296 12.37 12.88 1.82
N LEU A 297 11.08 12.52 1.84
CA LEU A 297 10.20 12.71 2.98
C LEU A 297 10.13 11.41 3.73
N ALA A 298 9.74 11.47 5.01
CA ALA A 298 9.53 10.29 5.84
C ALA A 298 8.44 9.46 5.12
N THR A 299 8.78 8.24 4.68
CA THR A 299 7.86 7.36 3.96
C THR A 299 7.58 6.04 4.69
N LEU A 300 6.29 5.75 4.95
CA LEU A 300 5.86 4.48 5.55
C LEU A 300 5.35 3.59 4.37
N ILE A 301 6.01 2.45 4.15
CA ILE A 301 5.73 1.52 3.04
C ILE A 301 4.85 0.36 3.53
N LEU A 302 3.70 0.12 2.85
CA LEU A 302 2.81 -0.98 3.21
C LEU A 302 2.57 -1.88 2.03
N GLY A 303 2.23 -3.13 2.32
CA GLY A 303 1.83 -4.08 1.29
C GLY A 303 0.36 -3.87 0.97
N GLY A 304 -0.37 -4.95 0.74
CA GLY A 304 -1.79 -4.91 0.41
C GLY A 304 -2.23 -6.22 -0.21
N GLY A 305 -3.14 -6.14 -1.18
CA GLY A 305 -3.67 -7.31 -1.89
C GLY A 305 -2.58 -7.98 -2.71
N GLY A 306 -2.83 -9.19 -3.16
CA GLY A 306 -1.87 -9.95 -3.97
C GLY A 306 -2.04 -11.42 -3.72
N TYR A 307 -2.81 -12.09 -4.60
CA TYR A 307 -3.18 -13.51 -4.50
C TYR A 307 -2.32 -14.51 -5.28
N ASN A 308 -1.49 -14.04 -6.20
CA ASN A 308 -0.51 -14.91 -6.86
C ASN A 308 0.69 -14.70 -5.94
N LEU A 309 0.90 -15.64 -5.00
CA LEU A 309 1.87 -15.54 -3.91
C LEU A 309 3.31 -15.29 -4.29
N ALA A 310 3.79 -16.02 -5.32
CA ALA A 310 5.14 -15.94 -5.87
C ALA A 310 5.34 -14.60 -6.60
N ASN A 311 4.32 -14.13 -7.34
CA ASN A 311 4.39 -12.82 -8.01
C ASN A 311 4.40 -11.67 -6.98
N THR A 312 3.64 -11.81 -5.87
CA THR A 312 3.62 -10.82 -4.79
C THR A 312 5.02 -10.70 -4.16
N ALA A 313 5.66 -11.84 -3.83
CA ALA A 313 7.01 -11.89 -3.27
C ALA A 313 8.03 -11.32 -4.27
N ARG A 314 7.90 -11.66 -5.59
CA ARG A 314 8.78 -11.14 -6.66
C ARG A 314 8.66 -9.61 -6.66
N CYS A 315 7.42 -9.10 -6.59
CA CYS A 315 7.14 -7.65 -6.62
C CYS A 315 7.77 -6.90 -5.44
N TRP A 316 7.41 -7.29 -4.21
CA TRP A 316 7.86 -6.64 -2.99
C TRP A 316 9.37 -6.78 -2.76
N THR A 317 9.96 -7.90 -3.21
CA THR A 317 11.43 -8.08 -3.16
C THR A 317 12.06 -7.08 -4.13
N TYR A 318 11.57 -7.01 -5.38
CA TYR A 318 12.11 -6.06 -6.35
C TYR A 318 11.96 -4.62 -5.81
N LEU A 319 10.81 -4.32 -5.16
CA LEU A 319 10.53 -2.99 -4.62
C LEU A 319 11.43 -2.65 -3.45
N THR A 320 11.78 -3.65 -2.64
CA THR A 320 12.70 -3.45 -1.52
C THR A 320 14.09 -3.09 -2.12
N GLY A 321 14.42 -3.70 -3.28
CA GLY A 321 15.65 -3.40 -4.03
C GLY A 321 15.62 -1.98 -4.57
N VAL A 322 14.43 -1.48 -4.98
CA VAL A 322 14.26 -0.09 -5.45
C VAL A 322 14.57 0.87 -4.29
N ILE A 323 14.03 0.61 -3.08
CA ILE A 323 14.23 1.41 -1.86
C ILE A 323 15.72 1.43 -1.48
N LEU A 324 16.40 0.27 -1.59
CA LEU A 324 17.82 0.15 -1.26
C LEU A 324 18.74 0.60 -2.42
N GLY A 325 18.14 0.95 -3.56
CA GLY A 325 18.84 1.36 -4.76
C GLY A 325 19.75 0.28 -5.29
N LYS A 326 19.40 -1.00 -4.99
CA LYS A 326 20.17 -2.18 -5.38
C LYS A 326 19.49 -2.91 -6.51
N THR A 327 20.28 -3.33 -7.50
CA THR A 327 19.77 -4.08 -8.63
C THR A 327 19.87 -5.55 -8.28
N LEU A 328 18.81 -6.30 -8.56
CA LEU A 328 18.80 -7.70 -8.20
C LEU A 328 19.07 -8.62 -9.37
N SER A 329 19.71 -9.76 -9.10
CA SER A 329 19.94 -10.73 -10.18
C SER A 329 18.56 -11.31 -10.63
N SER A 330 18.38 -11.46 -11.94
CA SER A 330 17.17 -12.00 -12.54
C SER A 330 16.86 -13.40 -12.02
N GLU A 331 17.92 -14.20 -11.76
CA GLU A 331 17.79 -15.57 -11.27
C GLU A 331 17.37 -15.60 -9.80
N ILE A 332 16.29 -16.34 -9.49
CA ILE A 332 15.86 -16.46 -8.09
C ILE A 332 16.92 -17.31 -7.37
N PRO A 333 17.52 -16.81 -6.27
CA PRO A 333 18.47 -17.64 -5.52
C PRO A 333 17.75 -18.75 -4.75
N ASP A 334 18.43 -19.89 -4.58
CA ASP A 334 17.85 -21.02 -3.88
C ASP A 334 17.58 -20.66 -2.43
N HIS A 335 16.40 -21.02 -1.96
CA HIS A 335 15.92 -20.80 -0.59
C HIS A 335 14.78 -21.78 -0.32
N GLU A 336 14.13 -21.65 0.84
CA GLU A 336 13.02 -22.50 1.30
C GLU A 336 11.88 -22.66 0.27
N PHE A 337 11.56 -21.58 -0.48
CA PHE A 337 10.44 -21.57 -1.44
C PHE A 337 10.85 -21.45 -2.88
N PHE A 338 12.07 -21.84 -3.25
CA PHE A 338 12.59 -21.80 -4.63
C PHE A 338 11.64 -22.47 -5.66
N THR A 339 11.07 -23.64 -5.31
CA THR A 339 10.16 -24.38 -6.18
C THR A 339 8.91 -23.59 -6.55
N ALA A 340 8.47 -22.65 -5.69
CA ALA A 340 7.29 -21.83 -6.00
C ALA A 340 7.46 -20.90 -7.20
N TYR A 341 8.73 -20.65 -7.61
CA TYR A 341 9.10 -19.74 -8.70
C TYR A 341 9.20 -20.37 -10.09
N GLY A 342 8.91 -21.68 -10.15
CA GLY A 342 8.93 -22.43 -11.39
C GLY A 342 7.88 -22.00 -12.40
N PRO A 343 8.06 -22.33 -13.69
CA PRO A 343 9.17 -23.08 -14.30
C PRO A 343 10.37 -22.24 -14.77
N ASP A 344 10.28 -20.88 -14.71
CA ASP A 344 11.36 -19.97 -15.16
C ASP A 344 12.34 -19.64 -14.06
N TYR A 345 11.87 -19.56 -12.82
CA TYR A 345 12.70 -19.23 -11.68
C TYR A 345 13.39 -17.85 -11.79
N VAL A 346 12.69 -16.90 -12.42
CA VAL A 346 13.17 -15.51 -12.56
C VAL A 346 12.28 -14.53 -11.79
N LEU A 347 12.86 -13.39 -11.42
CA LEU A 347 12.22 -12.31 -10.68
C LEU A 347 11.30 -11.46 -11.58
N GLU A 348 11.61 -11.35 -12.90
CA GLU A 348 10.81 -10.57 -13.83
C GLU A 348 9.42 -11.16 -14.11
N ILE A 349 8.43 -10.30 -14.31
CA ILE A 349 7.05 -10.69 -14.61
C ILE A 349 6.70 -10.25 -16.03
N THR A 350 6.02 -11.11 -16.77
CA THR A 350 5.66 -10.80 -18.15
C THR A 350 4.18 -10.40 -18.26
N PRO A 351 3.84 -9.28 -18.95
CA PRO A 351 2.42 -8.92 -19.14
C PRO A 351 1.66 -9.97 -19.94
N SER A 352 0.35 -10.09 -19.70
CA SER A 352 -0.47 -11.06 -20.41
C SER A 352 -1.07 -10.49 -21.69
N CYS A 353 -1.62 -11.36 -22.52
CA CYS A 353 -2.23 -10.96 -23.77
C CYS A 353 -3.67 -10.52 -23.50
N ARG A 354 -3.85 -9.20 -23.38
CA ARG A 354 -5.15 -8.60 -23.10
C ARG A 354 -5.15 -7.16 -23.57
N PRO A 355 -6.32 -6.59 -23.92
CA PRO A 355 -6.35 -5.21 -24.39
C PRO A 355 -6.23 -4.22 -23.24
N ASP A 356 -5.69 -3.05 -23.54
CA ASP A 356 -5.61 -1.92 -22.62
C ASP A 356 -6.92 -1.16 -22.86
N ARG A 357 -7.84 -1.23 -21.89
CA ARG A 357 -9.18 -0.60 -22.02
C ARG A 357 -9.21 0.90 -21.70
N ASN A 358 -8.05 1.52 -21.48
CA ASN A 358 -7.93 2.94 -21.15
C ASN A 358 -7.76 3.79 -22.40
N GLU A 359 -8.86 4.43 -22.83
CA GLU A 359 -8.85 5.32 -23.98
C GLU A 359 -8.07 6.61 -23.68
N PRO A 360 -7.15 7.06 -24.58
CA PRO A 360 -6.36 8.29 -24.28
C PRO A 360 -7.17 9.55 -23.98
N HIS A 361 -8.36 9.72 -24.56
CA HIS A 361 -9.23 10.87 -24.32
C HIS A 361 -9.89 10.80 -22.93
N ARG A 362 -10.30 9.61 -22.48
CA ARG A 362 -10.89 9.46 -21.15
C ARG A 362 -9.84 9.77 -20.04
N ILE A 363 -8.59 9.31 -20.22
CA ILE A 363 -7.50 9.57 -19.28
C ILE A 363 -7.28 11.08 -19.15
N GLN A 364 -7.27 11.83 -20.29
CA GLN A 364 -7.10 13.28 -20.27
C GLN A 364 -8.32 13.97 -19.62
N GLN A 365 -9.54 13.46 -19.83
CA GLN A 365 -10.74 13.99 -19.19
C GLN A 365 -10.58 13.83 -17.67
N ILE A 366 -10.10 12.64 -17.21
CA ILE A 366 -9.86 12.33 -15.79
C ILE A 366 -8.82 13.24 -15.17
N LEU A 367 -7.63 13.37 -15.82
CA LEU A 367 -6.54 14.26 -15.38
C LEU A 367 -6.96 15.73 -15.31
N ASN A 368 -7.75 16.20 -16.32
CA ASN A 368 -8.25 17.59 -16.37
C ASN A 368 -9.22 17.87 -15.23
N TYR A 369 -10.06 16.89 -14.87
CA TYR A 369 -11.01 17.01 -13.79
C TYR A 369 -10.28 17.11 -12.44
N ILE A 370 -9.21 16.30 -12.26
CA ILE A 370 -8.34 16.32 -11.08
C ILE A 370 -7.65 17.69 -10.96
N LYS A 371 -7.12 18.22 -12.08
CA LYS A 371 -6.46 19.52 -12.11
C LYS A 371 -7.44 20.61 -11.67
N GLY A 372 -8.71 20.47 -12.07
CA GLY A 372 -9.78 21.40 -11.68
C GLY A 372 -10.03 21.39 -10.19
N ASN A 373 -10.10 20.16 -9.60
CA ASN A 373 -10.26 19.93 -8.18
C ASN A 373 -9.09 20.53 -7.37
N LEU A 374 -7.86 20.25 -7.81
CA LEU A 374 -6.65 20.75 -7.13
C LEU A 374 -6.50 22.28 -7.12
N LYS A 375 -7.34 23.03 -7.88
CA LYS A 375 -7.35 24.51 -7.86
C LYS A 375 -7.85 25.04 -6.48
N HIS A 376 -8.59 24.19 -5.73
CA HIS A 376 -9.13 24.51 -4.40
C HIS A 376 -8.22 24.00 -3.26
N VAL A 377 -7.09 23.35 -3.60
CA VAL A 377 -6.14 22.83 -2.61
C VAL A 377 -5.00 23.83 -2.43
N VAL A 378 -4.80 24.35 -1.20
CA VAL A 378 -3.72 25.31 -0.87
C VAL A 378 -2.79 24.78 0.23
C1 0DI B . -11.77 -7.23 -2.16
F1 0DI B . -15.39 -8.85 1.54
N1 0DI B . -11.85 -8.58 -2.79
O1 0DI B . -7.14 -7.40 -2.33
CL1 0DI B . -4.72 -9.86 1.29
C2 0DI B . -10.58 -7.13 -1.18
F2 0DI B . -15.30 -8.69 -3.97
N2 0DI B . -9.33 -7.62 -1.82
O2 0DI B . -12.92 -10.55 -3.25
C3 0DI B . -9.47 -8.94 -2.50
N3 0DI B . -6.75 -4.83 -1.45
C4 0DI B . -10.63 -8.94 -3.53
C5 0DI B . -8.14 -6.95 -1.76
C6 0DI B . -7.93 -5.60 -1.01
C7 0DI B . -7.97 -5.83 0.52
C8 0DI B . -6.66 -6.32 1.14
C9 0DI B . -6.34 -7.71 1.03
C10 0DI B . -5.11 -8.20 1.53
C11 0DI B . -4.25 -7.33 2.25
C12 0DI B . -4.60 -5.97 2.39
C13 0DI B . -5.78 -5.45 1.82
C14 0DI B . -12.90 -9.45 -2.69
C15 0DI B . -14.15 -9.08 -1.93
C16 0DI B . -15.32 -8.73 -2.63
C17 0DI B . -16.50 -8.40 -1.93
C18 0DI B . -16.51 -8.42 -0.53
C19 0DI B . -15.35 -8.81 0.18
C20 0DI B . -14.16 -9.15 -0.51
K K C . -5.61 1.97 -4.85
K K D . -8.74 14.23 3.39
ZN ZN E . -6.51 -4.97 -3.49
#